data_6W9I
#
_entry.id   6W9I
#
_cell.length_a   61.681
_cell.length_b   61.681
_cell.length_c   155.162
_cell.angle_alpha   90.000
_cell.angle_beta   90.000
_cell.angle_gamma   90.000
#
_symmetry.space_group_name_H-M   'P 41 21 2'
#
loop_
_entity.id
_entity.type
_entity.pdbx_description
1 polymer 'Nuclear receptor ROR-gamma, Steroid receptor coactivator 1 fusion'
2 non-polymer 1-(benzyloxy)-4-{1-[(4-fluorophenyl)sulfonyl]cyclopentyl}benzene
3 water water
#
_entity_poly.entity_id   1
_entity_poly.type   'polypeptide(L)'
_entity_poly.pdbx_seq_one_letter_code
;MGSSHHHHHHSSGLVPRGSHMASLTEIEHLVQSVCKSYRETCQLRLEDLLRQRSNIFSREEVTGYQRKSMWEMWERCAHH
LTEAIQYVVEFAKRLSGFMELCQNDQIVLLKAGAMEVVLVRMCRAYNADNRTVFFEGKYGGMELFRALGCSELISSIFDF
SHSLSALHFSEDEIALYTALVLINAHRPGLQEKRKVEQLQYNLELAFHHHLCKTHRQSILAKLPPKGKLRSLCSQHVERL
QIFQHLHPIVVQAAFPPLYKELFSTSGGSGGLTERHKILHRLLQE
;
_entity_poly.pdbx_strand_id   A
#
loop_
_chem_comp.id
_chem_comp.type
_chem_comp.name
_chem_comp.formula
Z7D non-polymer 1-(benzyloxy)-4-{1-[(4-fluorophenyl)sulfonyl]cyclopentyl}benzene 'C24 H23 F O3 S'
#
# COMPACT_ATOMS: atom_id res chain seq x y z
N MET A 21 -5.99 -10.57 -28.53
CA MET A 21 -5.37 -11.47 -27.57
C MET A 21 -6.15 -11.51 -26.24
N ALA A 22 -5.97 -12.60 -25.47
CA ALA A 22 -6.63 -12.94 -24.21
C ALA A 22 -8.12 -13.19 -24.34
N SER A 23 -8.52 -14.46 -24.16
CA SER A 23 -9.89 -14.98 -24.21
C SER A 23 -10.51 -15.03 -22.79
N LEU A 24 -11.82 -15.34 -22.68
CA LEU A 24 -12.48 -15.41 -21.37
C LEU A 24 -11.83 -16.40 -20.41
N THR A 25 -11.41 -17.56 -20.95
CA THR A 25 -10.77 -18.58 -20.15
C THR A 25 -9.47 -18.05 -19.54
N GLU A 26 -8.68 -17.34 -20.36
CA GLU A 26 -7.40 -16.77 -19.90
C GLU A 26 -7.64 -15.64 -18.89
N ILE A 27 -8.69 -14.81 -19.11
CA ILE A 27 -9.02 -13.74 -18.17
C ILE A 27 -9.36 -14.32 -16.80
N GLU A 28 -10.22 -15.36 -16.73
CA GLU A 28 -10.53 -15.98 -15.43
C GLU A 28 -9.32 -16.63 -14.76
N HIS A 29 -8.40 -17.18 -15.56
CA HIS A 29 -7.17 -17.75 -14.99
C HIS A 29 -6.33 -16.63 -14.34
N LEU A 30 -6.26 -15.47 -15.02
CA LEU A 30 -5.52 -14.33 -14.51
C LEU A 30 -6.12 -13.83 -13.20
N VAL A 31 -7.48 -13.80 -13.09
CA VAL A 31 -8.18 -13.44 -11.85
C VAL A 31 -7.70 -14.35 -10.69
N GLN A 32 -7.72 -15.67 -10.92
CA GLN A 32 -7.32 -16.60 -9.88
C GLN A 32 -5.84 -16.49 -9.51
N SER A 33 -4.97 -16.29 -10.50
CA SER A 33 -3.54 -16.15 -10.22
CA SER A 33 -3.53 -16.12 -10.29
C SER A 33 -3.23 -14.89 -9.42
N VAL A 34 -3.87 -13.76 -9.73
CA VAL A 34 -3.66 -12.50 -9.00
C VAL A 34 -4.15 -12.64 -7.56
N CYS A 35 -5.33 -13.26 -7.40
CA CYS A 35 -5.88 -13.47 -6.06
C CYS A 35 -4.98 -14.38 -5.23
N LYS A 36 -4.41 -15.41 -5.87
CA LYS A 36 -3.49 -16.32 -5.18
C LYS A 36 -2.22 -15.57 -4.79
N SER A 37 -1.63 -14.78 -5.72
CA SER A 37 -0.42 -13.98 -5.45
C SER A 37 -0.63 -13.04 -4.28
N TYR A 38 -1.79 -12.39 -4.22
CA TYR A 38 -2.15 -11.49 -3.13
C TYR A 38 -2.25 -12.27 -1.80
N ARG A 39 -3.02 -13.36 -1.74
CA ARG A 39 -3.15 -14.16 -0.53
C ARG A 39 -1.80 -14.63 0.01
N GLU A 40 -0.89 -15.03 -0.88
CA GLU A 40 0.44 -15.52 -0.48
C GLU A 40 1.37 -14.41 0.04
N THR A 41 1.08 -13.14 -0.30
CA THR A 41 1.95 -12.02 0.06
C THR A 41 1.34 -10.98 0.97
N CYS A 42 0.30 -11.37 1.66
N CYS A 42 0.20 -11.29 1.60
CA CYS A 42 -0.30 -10.52 2.67
CA CYS A 42 -0.38 -10.31 2.54
C CYS A 42 0.63 -10.58 3.86
C CYS A 42 0.35 -10.51 3.89
N GLN A 43 0.86 -9.41 4.43
CA GLN A 43 1.64 -9.35 5.63
C GLN A 43 0.77 -9.84 6.81
N LEU A 44 -0.51 -9.43 6.82
CA LEU A 44 -1.45 -9.74 7.88
C LEU A 44 -2.70 -10.42 7.30
N ARG A 45 -3.19 -11.50 7.95
CA ARG A 45 -4.42 -12.17 7.51
C ARG A 45 -5.59 -11.30 7.94
N LEU A 46 -6.59 -11.10 7.08
CA LEU A 46 -7.74 -10.25 7.44
C LEU A 46 -8.43 -10.72 8.73
N GLU A 47 -8.61 -12.04 8.87
CA GLU A 47 -9.23 -12.67 10.06
C GLU A 47 -8.47 -12.26 11.32
N ASP A 48 -7.11 -12.25 11.26
CA ASP A 48 -6.32 -11.87 12.41
C ASP A 48 -6.58 -10.41 12.80
N LEU A 49 -6.71 -9.50 11.82
CA LEU A 49 -6.96 -8.08 12.11
C LEU A 49 -8.36 -7.88 12.67
N LEU A 50 -9.34 -8.60 12.12
CA LEU A 50 -10.73 -8.42 12.59
C LEU A 50 -10.86 -8.92 14.02
N ARG A 51 -10.21 -10.06 14.35
CA ARG A 51 -10.37 -10.59 15.72
C ARG A 51 -9.58 -9.77 16.78
N GLN A 52 -8.87 -8.69 16.37
CA GLN A 52 -8.22 -7.80 17.34
C GLN A 52 -8.99 -6.50 17.56
N ARG A 53 -10.14 -6.27 16.90
CA ARG A 53 -10.85 -4.99 16.97
C ARG A 53 -11.24 -4.50 18.38
N SER A 54 -11.47 -5.41 19.34
CA SER A 54 -11.78 -4.97 20.71
C SER A 54 -10.51 -4.63 21.51
N ASN A 55 -9.32 -4.95 20.99
CA ASN A 55 -8.04 -4.71 21.64
C ASN A 55 -7.58 -3.32 21.22
N ILE A 56 -7.99 -2.31 22.00
CA ILE A 56 -7.78 -0.88 21.75
C ILE A 56 -6.87 -0.30 22.81
N PHE A 57 -5.92 0.57 22.41
CA PHE A 57 -5.03 1.22 23.37
C PHE A 57 -5.82 2.03 24.41
N SER A 58 -5.42 1.95 25.68
CA SER A 58 -6.08 2.73 26.74
C SER A 58 -5.64 4.20 26.64
N ARG A 59 -6.33 5.12 27.36
CA ARG A 59 -5.93 6.52 27.36
C ARG A 59 -4.47 6.68 27.86
N GLU A 60 -4.01 5.83 28.80
CA GLU A 60 -2.63 5.88 29.28
C GLU A 60 -1.64 5.47 28.19
N GLU A 61 -1.95 4.42 27.41
CA GLU A 61 -1.07 3.97 26.33
C GLU A 61 -1.03 5.04 25.22
N VAL A 62 -2.17 5.69 24.95
CA VAL A 62 -2.22 6.78 23.96
C VAL A 62 -1.31 7.95 24.39
N THR A 63 -1.40 8.33 25.68
CA THR A 63 -0.56 9.41 26.24
C THR A 63 0.92 9.04 26.10
N GLY A 64 1.27 7.78 26.35
CA GLY A 64 2.63 7.28 26.19
C GLY A 64 3.16 7.48 24.78
N TYR A 65 2.34 7.21 23.75
CA TYR A 65 2.77 7.44 22.35
C TYR A 65 2.94 8.92 22.09
N GLN A 66 2.03 9.75 22.62
CA GLN A 66 2.11 11.19 22.44
C GLN A 66 3.34 11.78 23.08
N ARG A 67 3.84 11.16 24.17
CA ARG A 67 5.05 11.62 24.85
C ARG A 67 6.34 11.17 24.21
N LYS A 68 6.28 10.26 23.21
CA LYS A 68 7.46 9.80 22.51
C LYS A 68 8.01 10.94 21.66
N SER A 69 9.33 10.94 21.43
CA SER A 69 9.92 12.00 20.61
C SER A 69 9.45 11.87 19.16
N MET A 70 9.51 12.97 18.43
CA MET A 70 9.17 13.03 17.03
C MET A 70 10.06 12.07 16.23
N TRP A 71 11.40 12.07 16.49
CA TRP A 71 12.27 11.20 15.71
C TRP A 71 12.02 9.73 16.03
N GLU A 72 11.71 9.36 17.28
CA GLU A 72 11.38 7.97 17.62
C GLU A 72 10.10 7.50 16.88
N MET A 73 9.08 8.36 16.87
CA MET A 73 7.85 8.00 16.18
C MET A 73 8.08 7.89 14.65
N TRP A 74 8.89 8.80 14.07
CA TRP A 74 9.20 8.74 12.63
C TRP A 74 9.93 7.45 12.31
N GLU A 75 10.92 7.11 13.15
CA GLU A 75 11.69 5.87 12.93
C GLU A 75 10.76 4.62 12.97
N ARG A 76 9.84 4.56 13.93
CA ARG A 76 8.90 3.43 14.04
C ARG A 76 8.03 3.31 12.78
N CYS A 77 7.45 4.43 12.35
CA CYS A 77 6.60 4.44 11.17
C CYS A 77 7.36 4.05 9.90
N ALA A 78 8.58 4.56 9.73
CA ALA A 78 9.41 4.22 8.56
C ALA A 78 9.72 2.72 8.55
N HIS A 79 10.00 2.14 9.73
CA HIS A 79 10.26 0.71 9.87
C HIS A 79 8.99 -0.09 9.49
N HIS A 80 7.81 0.30 10.01
CA HIS A 80 6.58 -0.46 9.69
C HIS A 80 6.24 -0.37 8.21
N LEU A 81 6.44 0.81 7.63
CA LEU A 81 6.19 1.01 6.20
C LEU A 81 7.15 0.14 5.37
N THR A 82 8.44 0.09 5.76
CA THR A 82 9.43 -0.70 5.04
C THR A 82 9.07 -2.17 5.07
N GLU A 83 8.63 -2.67 6.24
CA GLU A 83 8.18 -4.07 6.32
C GLU A 83 7.00 -4.34 5.36
N ALA A 84 6.02 -3.46 5.34
CA ALA A 84 4.86 -3.57 4.45
C ALA A 84 5.27 -3.55 2.97
N ILE A 85 6.23 -2.67 2.62
CA ILE A 85 6.74 -2.56 1.26
C ILE A 85 7.44 -3.85 0.85
N GLN A 86 8.14 -4.52 1.77
CA GLN A 86 8.79 -5.80 1.45
C GLN A 86 7.80 -6.85 0.96
N TYR A 87 6.59 -6.86 1.55
CA TYR A 87 5.52 -7.75 1.13
C TYR A 87 4.99 -7.37 -0.25
N VAL A 88 4.91 -6.05 -0.53
CA VAL A 88 4.45 -5.58 -1.85
C VAL A 88 5.47 -5.98 -2.93
N VAL A 89 6.77 -5.93 -2.62
CA VAL A 89 7.81 -6.38 -3.56
C VAL A 89 7.61 -7.86 -3.91
N GLU A 90 7.29 -8.70 -2.90
CA GLU A 90 7.04 -10.13 -3.11
C GLU A 90 5.77 -10.34 -3.95
N PHE A 91 4.73 -9.53 -3.70
CA PHE A 91 3.48 -9.55 -4.49
C PHE A 91 3.79 -9.29 -5.97
N ALA A 92 4.60 -8.24 -6.25
CA ALA A 92 5.01 -7.87 -7.60
C ALA A 92 5.78 -9.03 -8.24
N LYS A 93 6.74 -9.65 -7.52
CA LYS A 93 7.51 -10.76 -8.07
C LYS A 93 6.65 -11.96 -8.46
N ARG A 94 5.55 -12.20 -7.74
CA ARG A 94 4.60 -13.28 -8.04
C ARG A 94 3.50 -12.89 -9.00
N LEU A 95 3.41 -11.62 -9.37
CA LEU A 95 2.35 -11.11 -10.21
C LEU A 95 2.62 -11.46 -11.65
N SER A 96 1.67 -12.18 -12.25
CA SER A 96 1.80 -12.63 -13.62
C SER A 96 2.18 -11.51 -14.60
N GLY A 97 3.29 -11.69 -15.30
CA GLY A 97 3.75 -10.67 -16.26
C GLY A 97 4.78 -9.70 -15.74
N PHE A 98 4.80 -9.44 -14.42
CA PHE A 98 5.74 -8.46 -13.85
C PHE A 98 7.22 -8.84 -14.03
N MET A 99 7.62 -10.08 -13.70
CA MET A 99 9.04 -10.45 -13.87
C MET A 99 9.46 -10.59 -15.34
N GLU A 100 8.50 -10.60 -16.25
CA GLU A 100 8.75 -10.63 -17.69
C GLU A 100 9.20 -9.20 -18.18
N LEU A 101 8.88 -8.13 -17.40
CA LEU A 101 9.30 -6.77 -17.76
C LEU A 101 10.80 -6.61 -17.51
N CYS A 102 11.44 -5.60 -18.13
CA CYS A 102 12.86 -5.35 -17.87
C CYS A 102 13.07 -4.84 -16.45
N GLN A 103 14.27 -5.03 -15.89
CA GLN A 103 14.59 -4.60 -14.52
C GLN A 103 14.39 -3.11 -14.34
N ASN A 104 14.72 -2.27 -15.35
CA ASN A 104 14.49 -0.83 -15.26
C ASN A 104 13.00 -0.53 -14.91
N ASP A 105 12.08 -1.19 -15.64
CA ASP A 105 10.66 -1.00 -15.51
C ASP A 105 10.11 -1.62 -14.26
N GLN A 106 10.66 -2.76 -13.81
CA GLN A 106 10.27 -3.34 -12.52
C GLN A 106 10.53 -2.33 -11.37
N ILE A 107 11.71 -1.66 -11.41
CA ILE A 107 12.12 -0.69 -10.41
C ILE A 107 11.29 0.58 -10.53
N VAL A 108 11.05 1.08 -11.76
CA VAL A 108 10.19 2.25 -11.95
C VAL A 108 8.80 2.01 -11.35
N LEU A 109 8.22 0.85 -11.64
CA LEU A 109 6.87 0.53 -11.14
C LEU A 109 6.84 0.40 -9.61
N LEU A 110 7.85 -0.27 -9.02
CA LEU A 110 7.84 -0.42 -7.56
C LEU A 110 8.11 0.90 -6.84
N LYS A 111 9.02 1.73 -7.38
CA LYS A 111 9.34 3.00 -6.73
C LYS A 111 8.15 3.92 -6.70
N ALA A 112 7.36 3.93 -7.77
CA ALA A 112 6.18 4.79 -7.84
C ALA A 112 4.96 4.17 -7.18
N GLY A 113 4.82 2.84 -7.21
CA GLY A 113 3.59 2.21 -6.78
C GLY A 113 3.57 1.44 -5.48
N ALA A 114 4.76 1.10 -4.93
CA ALA A 114 4.79 0.33 -3.67
C ALA A 114 4.05 1.03 -2.54
N MET A 115 4.30 2.33 -2.35
CA MET A 115 3.61 3.11 -1.30
C MET A 115 2.11 3.12 -1.57
N GLU A 116 1.72 3.29 -2.83
CA GLU A 116 0.29 3.32 -3.19
C GLU A 116 -0.36 2.00 -2.86
N VAL A 117 0.32 0.85 -3.13
CA VAL A 117 -0.24 -0.48 -2.79
C VAL A 117 -0.42 -0.58 -1.28
N VAL A 118 0.59 -0.13 -0.51
CA VAL A 118 0.47 -0.19 0.97
C VAL A 118 -0.71 0.68 1.44
N LEU A 119 -0.87 1.87 0.86
CA LEU A 119 -1.96 2.79 1.23
C LEU A 119 -3.34 2.13 1.00
N VAL A 120 -3.46 1.26 -0.02
CA VAL A 120 -4.72 0.55 -0.27
C VAL A 120 -4.82 -0.64 0.70
N ARG A 121 -3.74 -1.43 0.83
CA ARG A 121 -3.72 -2.59 1.71
C ARG A 121 -4.07 -2.25 3.14
N MET A 122 -3.69 -1.04 3.61
CA MET A 122 -3.91 -0.69 5.01
C MET A 122 -5.37 -0.50 5.41
N CYS A 123 -6.33 -0.41 4.44
CA CYS A 123 -7.74 -0.34 4.82
C CYS A 123 -8.17 -1.60 5.58
N ARG A 124 -7.50 -2.73 5.35
CA ARG A 124 -7.81 -3.98 6.05
C ARG A 124 -7.55 -3.90 7.57
N ALA A 125 -6.62 -3.03 7.97
CA ALA A 125 -6.21 -2.81 9.36
C ALA A 125 -6.93 -1.59 10.00
N TYR A 126 -7.91 -1.03 9.31
CA TYR A 126 -8.64 0.13 9.75
C TYR A 126 -10.07 -0.28 10.12
N ASN A 127 -10.55 0.19 11.27
CA ASN A 127 -11.90 -0.08 11.76
C ASN A 127 -12.70 1.22 11.59
N ALA A 128 -13.64 1.27 10.63
CA ALA A 128 -14.41 2.50 10.40
C ALA A 128 -15.42 2.84 11.51
N ASP A 129 -15.79 1.85 12.33
CA ASP A 129 -16.75 2.02 13.41
C ASP A 129 -16.26 2.96 14.47
N ASN A 130 -14.96 2.90 14.82
CA ASN A 130 -14.40 3.81 15.80
C ASN A 130 -13.19 4.61 15.24
N ARG A 131 -12.93 4.53 13.92
CA ARG A 131 -11.85 5.27 13.26
C ARG A 131 -10.47 4.94 13.85
N THR A 132 -10.16 3.65 14.00
CA THR A 132 -8.87 3.22 14.56
C THR A 132 -8.12 2.35 13.56
N VAL A 133 -6.81 2.28 13.72
CA VAL A 133 -5.94 1.46 12.91
C VAL A 133 -5.18 0.49 13.82
N PHE A 134 -4.90 -0.71 13.33
CA PHE A 134 -4.11 -1.66 14.09
C PHE A 134 -2.65 -1.22 13.99
N PHE A 135 -2.03 -0.92 15.13
CA PHE A 135 -0.65 -0.42 15.12
C PHE A 135 0.08 -0.98 16.32
N GLU A 136 1.18 -1.72 16.11
CA GLU A 136 1.98 -2.23 17.23
C GLU A 136 1.15 -2.99 18.27
N GLY A 137 0.31 -3.87 17.78
CA GLY A 137 -0.42 -4.78 18.65
C GLY A 137 -1.81 -4.41 19.13
N LYS A 138 -2.24 -3.14 18.96
CA LYS A 138 -3.59 -2.74 19.36
C LYS A 138 -4.15 -1.70 18.39
N TYR A 139 -5.45 -1.43 18.46
CA TYR A 139 -6.08 -0.41 17.64
C TYR A 139 -6.02 0.94 18.35
N GLY A 140 -5.70 1.97 17.60
CA GLY A 140 -5.68 3.33 18.10
C GLY A 140 -6.07 4.33 17.05
N GLY A 141 -6.59 5.47 17.48
CA GLY A 141 -7.02 6.53 16.60
C GLY A 141 -5.89 7.43 16.12
N MET A 142 -6.21 8.45 15.34
CA MET A 142 -5.23 9.41 14.80
C MET A 142 -4.36 10.03 15.87
N GLU A 143 -4.96 10.27 17.04
CA GLU A 143 -4.26 10.91 18.15
C GLU A 143 -3.02 10.13 18.62
N LEU A 144 -2.93 8.83 18.30
CA LEU A 144 -1.75 8.03 18.64
C LEU A 144 -0.48 8.61 17.95
N PHE A 145 -0.66 9.27 16.78
CA PHE A 145 0.44 9.74 15.96
C PHE A 145 0.80 11.20 16.11
N ARG A 146 0.29 11.87 17.16
CA ARG A 146 0.49 13.32 17.33
C ARG A 146 1.96 13.76 17.41
N ALA A 147 2.82 12.90 17.98
CA ALA A 147 4.23 13.23 18.12
C ALA A 147 4.96 13.43 16.80
N LEU A 148 4.45 12.85 15.69
CA LEU A 148 5.07 12.99 14.37
C LEU A 148 5.10 14.43 13.86
N GLY A 149 4.11 15.22 14.23
CA GLY A 149 4.01 16.58 13.74
C GLY A 149 3.74 16.63 12.25
N CYS A 150 2.85 15.74 11.80
CA CYS A 150 2.41 15.78 10.40
C CYS A 150 0.91 15.45 10.39
N SER A 151 0.16 16.29 11.13
CA SER A 151 -1.28 16.12 11.30
C SER A 151 -2.09 16.03 10.02
N GLU A 152 -1.71 16.81 9.01
CA GLU A 152 -2.45 16.82 7.74
C GLU A 152 -2.22 15.48 7.01
N LEU A 153 -0.99 14.97 7.02
CA LEU A 153 -0.67 13.70 6.40
C LEU A 153 -1.42 12.56 7.12
N ILE A 154 -1.39 12.53 8.46
CA ILE A 154 -2.11 11.50 9.24
C ILE A 154 -3.63 11.57 8.98
N SER A 155 -4.20 12.79 8.96
CA SER A 155 -5.64 12.93 8.66
C SER A 155 -5.94 12.42 7.25
N SER A 156 -5.06 12.70 6.29
CA SER A 156 -5.25 12.23 4.91
C SER A 156 -5.23 10.71 4.83
N ILE A 157 -4.30 10.07 5.55
CA ILE A 157 -4.19 8.61 5.56
C ILE A 157 -5.46 8.00 6.16
N PHE A 158 -5.92 8.52 7.31
CA PHE A 158 -7.12 7.98 7.96
C PHE A 158 -8.36 8.20 7.07
N ASP A 159 -8.45 9.37 6.43
CA ASP A 159 -9.57 9.69 5.55
C ASP A 159 -9.58 8.75 4.35
N PHE A 160 -8.40 8.45 3.79
CA PHE A 160 -8.25 7.54 2.66
C PHE A 160 -8.73 6.11 3.04
N SER A 161 -8.28 5.60 4.19
CA SER A 161 -8.74 4.30 4.68
C SER A 161 -10.25 4.30 4.95
N HIS A 162 -10.79 5.41 5.49
CA HIS A 162 -12.22 5.52 5.77
C HIS A 162 -13.00 5.45 4.45
N SER A 163 -12.50 6.12 3.40
CA SER A 163 -13.14 6.11 2.10
C SER A 163 -13.12 4.72 1.48
N LEU A 164 -12.02 3.96 1.66
CA LEU A 164 -11.94 2.61 1.15
C LEU A 164 -12.81 1.64 1.92
N SER A 165 -12.92 1.85 3.25
CA SER A 165 -13.73 0.99 4.13
CA SER A 165 -13.74 0.98 4.10
C SER A 165 -15.19 1.00 3.68
N ALA A 166 -15.68 2.17 3.22
CA ALA A 166 -17.05 2.37 2.74
C ALA A 166 -17.39 1.51 1.52
N LEU A 167 -16.38 1.00 0.81
CA LEU A 167 -16.61 0.14 -0.35
C LEU A 167 -16.81 -1.33 -0.01
N HIS A 168 -16.44 -1.74 1.22
CA HIS A 168 -16.58 -3.13 1.68
C HIS A 168 -15.88 -4.12 0.74
N PHE A 169 -14.64 -3.81 0.40
CA PHE A 169 -13.83 -4.66 -0.48
C PHE A 169 -13.73 -6.09 0.00
N SER A 170 -13.83 -7.04 -0.93
CA SER A 170 -13.54 -8.43 -0.61
C SER A 170 -12.00 -8.55 -0.77
N GLU A 171 -11.43 -9.67 -0.31
CA GLU A 171 -9.99 -9.90 -0.48
C GLU A 171 -9.65 -9.99 -1.99
N ASP A 172 -10.53 -10.62 -2.77
CA ASP A 172 -10.29 -10.74 -4.22
C ASP A 172 -10.29 -9.36 -4.89
N GLU A 173 -11.20 -8.46 -4.47
CA GLU A 173 -11.23 -7.11 -5.07
C GLU A 173 -9.98 -6.34 -4.72
N ILE A 174 -9.47 -6.49 -3.49
CA ILE A 174 -8.23 -5.80 -3.09
C ILE A 174 -7.06 -6.36 -3.91
N ALA A 175 -7.04 -7.66 -4.17
CA ALA A 175 -5.95 -8.26 -4.96
C ALA A 175 -5.93 -7.66 -6.39
N LEU A 176 -7.09 -7.62 -7.01
CA LEU A 176 -7.15 -7.13 -8.40
C LEU A 176 -6.90 -5.65 -8.49
N TYR A 177 -7.44 -4.90 -7.56
CA TYR A 177 -7.28 -3.45 -7.55
C TYR A 177 -5.82 -3.06 -7.26
N THR A 178 -5.17 -3.69 -6.27
CA THR A 178 -3.75 -3.38 -5.98
C THR A 178 -2.83 -3.81 -7.14
N ALA A 179 -3.17 -4.89 -7.89
CA ALA A 179 -2.36 -5.27 -9.06
C ALA A 179 -2.38 -4.12 -10.09
N LEU A 180 -3.54 -3.50 -10.27
CA LEU A 180 -3.73 -2.38 -11.19
C LEU A 180 -3.05 -1.11 -10.69
N VAL A 181 -3.03 -0.88 -9.37
CA VAL A 181 -2.30 0.27 -8.79
C VAL A 181 -0.81 0.16 -9.16
N LEU A 182 -0.25 -1.06 -9.09
CA LEU A 182 1.16 -1.31 -9.38
C LEU A 182 1.45 -1.27 -10.89
N ILE A 183 0.62 -1.98 -11.69
CA ILE A 183 0.89 -2.06 -13.12
C ILE A 183 0.25 -0.88 -13.80
N ASN A 184 0.96 0.25 -13.78
CA ASN A 184 0.45 1.51 -14.32
C ASN A 184 1.40 1.93 -15.45
N ALA A 185 0.91 1.85 -16.72
CA ALA A 185 1.73 2.21 -17.87
C ALA A 185 2.02 3.71 -18.00
N HIS A 186 1.41 4.56 -17.19
CA HIS A 186 1.67 5.99 -17.24
C HIS A 186 2.88 6.42 -16.40
N ARG A 187 3.52 5.49 -15.63
CA ARG A 187 4.66 5.94 -14.80
C ARG A 187 5.79 6.49 -15.67
N PRO A 188 6.27 7.71 -15.36
CA PRO A 188 7.43 8.23 -16.10
C PRO A 188 8.67 7.37 -15.87
N GLY A 189 9.42 7.16 -16.92
CA GLY A 189 10.66 6.40 -16.85
C GLY A 189 10.61 5.02 -17.47
N LEU A 190 9.40 4.54 -17.80
CA LEU A 190 9.23 3.21 -18.40
C LEU A 190 9.88 3.13 -19.78
N GLN A 191 10.73 2.12 -19.99
CA GLN A 191 11.43 1.91 -21.25
C GLN A 191 10.57 1.08 -22.24
N GLU A 192 9.77 0.15 -21.72
CA GLU A 192 8.92 -0.68 -22.58
C GLU A 192 7.47 -0.40 -22.23
N LYS A 193 7.03 0.82 -22.50
CA LYS A 193 5.70 1.29 -22.17
C LYS A 193 4.58 0.42 -22.78
N ARG A 194 4.74 -0.04 -24.03
CA ARG A 194 3.71 -0.88 -24.68
C ARG A 194 3.53 -2.22 -23.97
N LYS A 195 4.62 -2.85 -23.48
CA LYS A 195 4.49 -4.12 -22.75
C LYS A 195 3.74 -3.86 -21.43
N VAL A 196 4.04 -2.75 -20.73
CA VAL A 196 3.33 -2.44 -19.49
C VAL A 196 1.84 -2.11 -19.77
N GLU A 197 1.51 -1.44 -20.90
CA GLU A 197 0.13 -1.15 -21.28
C GLU A 197 -0.65 -2.45 -21.51
N GLN A 198 -0.01 -3.44 -22.13
CA GLN A 198 -0.68 -4.71 -22.41
C GLN A 198 -0.97 -5.46 -21.12
N LEU A 199 -0.01 -5.47 -20.19
CA LEU A 199 -0.21 -6.11 -18.89
C LEU A 199 -1.31 -5.40 -18.12
N GLN A 200 -1.30 -4.07 -18.13
CA GLN A 200 -2.32 -3.25 -17.47
C GLN A 200 -3.69 -3.55 -18.04
N TYR A 201 -3.80 -3.62 -19.37
CA TYR A 201 -5.05 -3.93 -20.04
C TYR A 201 -5.57 -5.31 -19.64
N ASN A 202 -4.71 -6.34 -19.61
CA ASN A 202 -5.15 -7.68 -19.18
C ASN A 202 -5.65 -7.67 -17.74
N LEU A 203 -4.95 -6.93 -16.85
CA LEU A 203 -5.37 -6.84 -15.45
C LEU A 203 -6.67 -6.07 -15.29
N GLU A 204 -6.89 -5.02 -16.12
CA GLU A 204 -8.13 -4.25 -16.11
C GLU A 204 -9.30 -5.17 -16.52
N LEU A 205 -9.09 -6.00 -17.55
CA LEU A 205 -10.11 -6.95 -18.00
C LEU A 205 -10.43 -7.94 -16.89
N ALA A 206 -9.40 -8.45 -16.21
CA ALA A 206 -9.58 -9.40 -15.11
C ALA A 206 -10.40 -8.74 -13.98
N PHE A 207 -10.05 -7.51 -13.59
CA PHE A 207 -10.76 -6.83 -12.50
C PHE A 207 -12.22 -6.59 -12.88
N HIS A 208 -12.44 -6.02 -14.07
CA HIS A 208 -13.80 -5.69 -14.50
C HIS A 208 -14.63 -6.97 -14.71
N HIS A 209 -14.02 -8.05 -15.23
CA HIS A 209 -14.72 -9.32 -15.40
C HIS A 209 -15.18 -9.86 -14.05
N HIS A 210 -14.29 -9.84 -13.06
CA HIS A 210 -14.65 -10.30 -11.73
C HIS A 210 -15.78 -9.43 -11.12
N LEU A 211 -15.72 -8.09 -11.28
CA LEU A 211 -16.79 -7.23 -10.76
C LEU A 211 -18.12 -7.54 -11.48
N CYS A 212 -18.07 -7.76 -12.79
CA CYS A 212 -19.26 -8.07 -13.56
C CYS A 212 -19.87 -9.42 -13.06
N LYS A 213 -19.04 -10.44 -12.90
CA LYS A 213 -19.49 -11.75 -12.45
C LYS A 213 -20.10 -11.74 -11.05
N THR A 214 -19.56 -10.88 -10.15
CA THR A 214 -20.05 -10.81 -8.77
C THR A 214 -21.02 -9.66 -8.52
N HIS A 215 -21.48 -8.97 -9.57
CA HIS A 215 -22.42 -7.85 -9.49
C HIS A 215 -21.91 -6.73 -8.61
N ARG A 216 -20.63 -6.42 -8.76
CA ARG A 216 -19.99 -5.37 -7.98
C ARG A 216 -19.48 -4.22 -8.85
N GLN A 217 -19.99 -4.06 -10.08
CA GLN A 217 -19.54 -2.95 -10.95
C GLN A 217 -19.86 -1.56 -10.39
N SER A 218 -20.77 -1.47 -9.42
CA SER A 218 -21.12 -0.20 -8.79
C SER A 218 -19.92 0.41 -8.04
N ILE A 219 -18.90 -0.40 -7.68
CA ILE A 219 -17.74 0.17 -7.00
C ILE A 219 -16.86 0.98 -7.94
N LEU A 220 -16.94 0.77 -9.27
CA LEU A 220 -16.05 1.44 -10.23
C LEU A 220 -16.07 2.95 -10.09
N ALA A 221 -17.27 3.53 -10.00
CA ALA A 221 -17.41 4.97 -9.84
C ALA A 221 -16.97 5.49 -8.49
N LYS A 222 -16.86 4.61 -7.48
CA LYS A 222 -16.52 5.00 -6.12
C LYS A 222 -15.04 4.81 -5.76
N LEU A 223 -14.22 4.21 -6.64
CA LEU A 223 -12.79 4.06 -6.37
C LEU A 223 -12.14 5.43 -6.39
N PRO A 224 -11.17 5.66 -5.50
CA PRO A 224 -10.56 7.00 -5.44
C PRO A 224 -9.91 7.41 -6.74
N PRO A 225 -9.93 8.72 -7.07
CA PRO A 225 -9.19 9.17 -8.28
C PRO A 225 -7.69 8.92 -8.09
N LYS A 226 -6.93 8.72 -9.19
CA LYS A 226 -5.47 8.51 -9.13
C LYS A 226 -4.72 9.69 -8.47
N GLY A 227 -5.29 10.89 -8.56
CA GLY A 227 -4.73 12.07 -7.93
C GLY A 227 -4.75 11.99 -6.41
N LYS A 228 -5.65 11.19 -5.84
CA LYS A 228 -5.73 11.02 -4.41
C LYS A 228 -4.51 10.24 -3.86
N LEU A 229 -4.16 9.12 -4.52
CA LEU A 229 -2.99 8.34 -4.10
C LEU A 229 -1.70 9.15 -4.36
N ARG A 230 -1.65 9.86 -5.48
CA ARG A 230 -0.50 10.71 -5.79
C ARG A 230 -0.32 11.81 -4.71
N SER A 231 -1.43 12.41 -4.26
CA SER A 231 -1.36 13.44 -3.23
C SER A 231 -0.85 12.88 -1.88
N LEU A 232 -1.27 11.66 -1.50
CA LEU A 232 -0.79 11.05 -0.27
C LEU A 232 0.72 10.78 -0.37
N CYS A 233 1.19 10.26 -1.51
CA CYS A 233 2.61 9.98 -1.73
C CYS A 233 3.44 11.25 -1.72
N SER A 234 2.90 12.33 -2.31
CA SER A 234 3.60 13.63 -2.35
C SER A 234 3.68 14.23 -0.96
N GLN A 235 2.56 14.17 -0.17
CA GLN A 235 2.56 14.67 1.21
C GLN A 235 3.59 13.93 2.04
N HIS A 236 3.72 12.60 1.84
CA HIS A 236 4.69 11.82 2.61
C HIS A 236 6.12 12.30 2.30
N VAL A 237 6.46 12.43 1.03
CA VAL A 237 7.79 12.88 0.62
C VAL A 237 8.11 14.28 1.16
N GLU A 238 7.12 15.20 1.10
CA GLU A 238 7.26 16.56 1.61
C GLU A 238 7.46 16.59 3.13
N ARG A 239 6.69 15.79 3.91
CA ARG A 239 6.88 15.77 5.35
C ARG A 239 8.22 15.16 5.72
N LEU A 240 8.65 14.12 4.96
CA LEU A 240 9.94 13.49 5.18
C LEU A 240 11.07 14.53 4.92
N GLN A 241 10.94 15.40 3.90
CA GLN A 241 11.97 16.43 3.64
C GLN A 241 12.10 17.37 4.84
N ILE A 242 10.97 17.81 5.41
CA ILE A 242 10.96 18.66 6.60
C ILE A 242 11.64 17.92 7.78
N PHE A 243 11.25 16.67 8.03
CA PHE A 243 11.82 15.90 9.14
C PHE A 243 13.32 15.69 8.96
N GLN A 244 13.74 15.30 7.75
CA GLN A 244 15.14 15.05 7.41
C GLN A 244 15.98 16.32 7.59
N HIS A 245 15.41 17.50 7.30
CA HIS A 245 16.10 18.76 7.50
C HIS A 245 16.33 19.02 9.00
N LEU A 246 15.37 18.67 9.86
CA LEU A 246 15.50 18.84 11.31
C LEU A 246 16.39 17.76 11.98
N HIS A 247 16.39 16.52 11.45
CA HIS A 247 17.15 15.41 12.05
C HIS A 247 17.89 14.59 10.97
N PRO A 248 18.87 15.19 10.27
CA PRO A 248 19.54 14.47 9.18
C PRO A 248 20.29 13.22 9.59
N ILE A 249 20.88 13.23 10.79
CA ILE A 249 21.63 12.08 11.27
C ILE A 249 20.68 10.96 11.71
N VAL A 250 19.44 11.29 12.15
CA VAL A 250 18.46 10.26 12.48
C VAL A 250 18.12 9.48 11.23
N VAL A 251 17.83 10.18 10.12
CA VAL A 251 17.53 9.49 8.88
C VAL A 251 18.73 8.63 8.41
N GLN A 252 19.95 9.21 8.41
CA GLN A 252 21.11 8.47 7.98
C GLN A 252 21.37 7.21 8.82
N ALA A 253 21.30 7.35 10.14
CA ALA A 253 21.66 6.27 11.05
C ALA A 253 20.56 5.28 11.43
N ALA A 254 19.30 5.73 11.42
CA ALA A 254 18.24 4.91 11.97
C ALA A 254 17.04 4.64 11.06
N PHE A 255 17.04 5.16 9.83
CA PHE A 255 15.94 4.86 8.90
C PHE A 255 16.36 3.67 8.03
N PRO A 256 15.42 2.81 7.63
CA PRO A 256 15.78 1.64 6.85
C PRO A 256 16.33 2.02 5.47
N PRO A 257 17.35 1.32 5.00
CA PRO A 257 17.90 1.63 3.67
C PRO A 257 16.86 1.60 2.53
N LEU A 258 15.92 0.63 2.55
CA LEU A 258 14.90 0.55 1.48
C LEU A 258 14.00 1.79 1.52
N TYR A 259 13.68 2.27 2.74
CA TYR A 259 12.86 3.46 2.89
C TYR A 259 13.57 4.68 2.27
N LYS A 260 14.87 4.86 2.56
CA LYS A 260 15.62 5.98 1.99
C LYS A 260 15.72 5.89 0.47
N GLU A 261 15.93 4.68 -0.09
CA GLU A 261 16.00 4.48 -1.55
C GLU A 261 14.71 4.92 -2.22
N LEU A 262 13.56 4.56 -1.61
CA LEU A 262 12.28 4.90 -2.21
C LEU A 262 11.83 6.34 -2.01
N PHE A 263 12.13 6.96 -0.86
CA PHE A 263 11.52 8.23 -0.51
C PHE A 263 12.43 9.44 -0.26
N SER A 264 13.72 9.24 0.01
CA SER A 264 14.59 10.36 0.37
C SER A 264 15.17 11.07 -0.87
N LYS A 277 21.52 -1.09 -5.60
CA LYS A 277 20.68 -0.58 -4.51
C LYS A 277 19.74 -1.70 -3.95
N ILE A 278 18.98 -1.43 -2.86
CA ILE A 278 18.13 -2.45 -2.21
C ILE A 278 17.12 -3.13 -3.14
N LEU A 279 16.30 -2.36 -3.88
CA LEU A 279 15.29 -2.93 -4.78
C LEU A 279 15.87 -3.97 -5.76
N HIS A 280 17.01 -3.66 -6.38
CA HIS A 280 17.68 -4.58 -7.29
C HIS A 280 17.97 -5.95 -6.63
N ARG A 281 18.46 -5.94 -5.39
CA ARG A 281 18.77 -7.17 -4.67
C ARG A 281 17.50 -7.95 -4.31
N LEU A 282 16.44 -7.24 -3.86
CA LEU A 282 15.17 -7.94 -3.54
C LEU A 282 14.57 -8.54 -4.81
N LEU A 283 14.72 -7.87 -5.96
CA LEU A 283 14.18 -8.38 -7.22
C LEU A 283 14.95 -9.58 -7.79
N GLN A 284 16.23 -9.70 -7.42
CA GLN A 284 17.11 -10.78 -7.89
C GLN A 284 17.03 -12.04 -7.02
N GLU A 285 16.56 -11.93 -5.77
CA GLU A 285 16.43 -13.07 -4.85
C GLU A 285 15.24 -13.96 -5.24
C1 Z7D B . 1.45 5.03 6.03
C2 Z7D B . 2.70 5.58 6.18
C3 Z7D B . 3.64 4.98 7.01
C4 Z7D B . 3.31 3.82 7.69
C5 Z7D B . 2.05 3.24 7.57
C6 Z7D B . 1.13 3.86 6.72
O7 Z7D B . 3.00 6.76 5.52
C8 Z7D B . 1.69 1.98 8.36
S9 Z7D B . 1.59 2.44 10.13
C10 Z7D B . 0.61 3.91 10.19
C11 Z7D B . -0.77 3.81 10.23
C12 Z7D B . -1.54 4.97 10.20
C13 Z7D B . -0.89 6.17 10.13
C14 Z7D B . 0.47 6.30 10.11
C15 Z7D B . 1.24 5.14 10.13
O16 Z7D B . 2.92 2.76 10.57
O17 Z7D B . 0.87 1.40 10.81
F18 Z7D B . -1.64 7.31 10.06
C19 Z7D B . 0.35 1.32 7.97
C20 Z7D B . 0.68 0.56 6.69
C21 Z7D B . 2.17 0.14 6.83
C22 Z7D B . 2.69 0.82 8.12
C23 Z7D B . 4.35 7.27 5.49
C24 Z7D B . 4.66 7.95 6.81
C25 Z7D B . 5.95 7.90 7.32
C26 Z7D B . 6.26 8.52 8.53
C27 Z7D B . 5.28 9.17 9.23
C28 Z7D B . 3.99 9.23 8.74
C29 Z7D B . 3.69 8.62 7.53
H1 Z7D B . 0.71 5.49 5.39
H3 Z7D B . 4.65 5.36 7.17
H4 Z7D B . 4.06 3.36 8.32
H6 Z7D B . 0.14 3.46 6.58
H11 Z7D B . -1.26 2.85 10.28
H12 Z7D B . -2.63 4.91 10.23
H14 Z7D B . 0.95 7.27 10.06
H15 Z7D B . 2.33 5.21 10.11
H191 Z7D B . -0.47 2.03 7.85
H192 Z7D B . 0.00 0.62 8.73
H202 Z7D B . 0.01 -0.29 6.53
H201 Z7D B . 0.53 1.20 5.82
H212 Z7D B . 2.28 -0.94 6.89
H211 Z7D B . 2.75 0.44 5.97
H221 Z7D B . 2.67 0.13 8.96
H222 Z7D B . 3.72 1.15 8.01
H232 Z7D B . 5.07 6.50 5.21
H231 Z7D B . 4.31 7.99 4.68
H25 Z7D B . 6.74 7.38 6.77
H26 Z7D B . 7.27 8.47 8.92
H27 Z7D B . 5.52 9.65 10.18
H28 Z7D B . 3.21 9.75 9.28
H29 Z7D B . 2.67 8.66 7.15
#